data_3UKY
#
_entry.id   3UKY
#
_cell.length_a   78.195
_cell.length_b   89.747
_cell.length_c   98.510
_cell.angle_alpha   90.00
_cell.angle_beta   90.00
_cell.angle_gamma   90.00
#
_symmetry.space_group_name_H-M   'P 21 21 21'
#
loop_
_entity.id
_entity.type
_entity.pdbx_description
1 polymer 'Importin subunit alpha-2'
2 polymer 'Nuclear cap-binding protein complex subunit 1'
3 water water
#
loop_
_entity_poly.entity_id
_entity_poly.type
_entity_poly.pdbx_seq_one_letter_code
_entity_poly.pdbx_strand_id
1 'polypeptide(L)'
;MHHHHHHSSGLVPRGSGMLETAAALFERNHMDSPDLGTDDDDLAMADIGSNQGTVNWSVEDIVKGINSNNLESQLQATQA
ARKLLSREKQPPIDNIIRAGLIPKFVSFLGKTDCSPIQFESAWALTNIASGTSEQTKAVVDGGAIPAFISLLASPHAHIS
EQAVWALGNIAGDGSAFRDLVIKHGAIDPLLALLAVPDLSTLACGYLRNLTWTLSNLCRNKNPAPPLDAVEQILPTLVRL
LHHNDPEVLADSCWAISYLTDGPNERIEMVVKKGVVPQLVKLLGATELPIVTPALRAIGNIVTGTDEQTQKVIDAGALAV
FPSLLTNPKTNIQKEATWTMSNITAGRQDQIQQVVNHGLVPFLVGVLSKADFKTQKEAAWAITNYTSGGTVEQIVYLVHC
GIIEPLMNLLSAKDTKIIQVILDAISNIFQAAEKLGETEKLSIMIEECGGLDKIEALQRHENESVYKASLNLIEKYFSVE
EEEDQNVVPETTSEGFAFQVQDGAPGTFNF
;
B
2 'polypeptide(L)' GSMFNRKRRGDFDEDENYRDFRPRMPKRQRIP C
#
# COMPACT_ATOMS: atom_id res chain seq x y z
N GLN A 52 -40.68 7.13 1.64
CA GLN A 52 -41.31 7.90 2.71
C GLN A 52 -41.87 7.01 3.81
N GLY A 53 -42.30 5.81 3.44
CA GLY A 53 -42.88 4.87 4.39
C GLY A 53 -41.89 4.44 5.45
N THR A 54 -40.66 4.16 5.03
CA THR A 54 -39.62 3.71 5.96
C THR A 54 -38.52 4.76 6.11
N VAL A 55 -38.89 6.03 5.97
CA VAL A 55 -37.92 7.12 6.07
C VAL A 55 -37.98 7.83 7.41
N ASN A 56 -36.82 7.96 8.04
CA ASN A 56 -36.69 8.69 9.30
C ASN A 56 -37.51 8.11 10.45
N TRP A 57 -37.49 6.79 10.58
CA TRP A 57 -38.11 6.14 11.73
C TRP A 57 -37.29 6.43 12.98
N SER A 58 -37.95 6.39 14.14
CA SER A 58 -37.24 6.47 15.40
C SER A 58 -36.68 5.07 15.70
N VAL A 59 -35.65 5.00 16.52
CA VAL A 59 -35.06 3.72 16.86
C VAL A 59 -36.09 2.84 17.59
N GLU A 60 -36.91 3.47 18.42
CA GLU A 60 -37.89 2.72 19.22
C GLU A 60 -39.03 2.14 18.38
N ASP A 61 -39.35 2.82 17.27
CA ASP A 61 -40.34 2.29 16.33
C ASP A 61 -39.76 1.10 15.59
N ILE A 62 -38.50 1.20 15.20
CA ILE A 62 -37.80 0.10 14.56
C ILE A 62 -37.73 -1.10 15.49
N VAL A 63 -37.45 -0.83 16.76
CA VAL A 63 -37.44 -1.88 17.78
C VAL A 63 -38.82 -2.54 17.88
N LYS A 64 -39.87 -1.73 17.75
CA LYS A 64 -41.23 -2.21 17.88
C LYS A 64 -41.63 -3.11 16.71
N GLY A 65 -41.25 -2.71 15.50
CA GLY A 65 -41.58 -3.47 14.32
C GLY A 65 -40.82 -4.79 14.25
N ILE A 66 -39.58 -4.77 14.71
CA ILE A 66 -38.73 -5.96 14.67
C ILE A 66 -39.13 -6.98 15.75
N ASN A 67 -39.62 -6.50 16.88
CA ASN A 67 -40.06 -7.38 17.96
C ASN A 67 -41.44 -7.98 17.71
N SER A 68 -42.15 -7.48 16.72
CA SER A 68 -43.45 -8.04 16.35
C SER A 68 -43.25 -9.43 15.74
N ASN A 69 -44.28 -10.26 15.80
CA ASN A 69 -44.21 -11.59 15.21
C ASN A 69 -44.65 -11.59 13.76
N ASN A 70 -44.60 -10.43 13.14
CA ASN A 70 -45.03 -10.27 11.75
C ASN A 70 -43.81 -10.07 10.84
N LEU A 71 -43.56 -11.06 9.99
CA LEU A 71 -42.38 -11.02 9.11
C LEU A 71 -42.35 -9.76 8.27
N GLU A 72 -43.51 -9.37 7.74
CA GLU A 72 -43.59 -8.16 6.93
C GLU A 72 -43.34 -6.91 7.75
N SER A 73 -43.87 -6.88 8.97
CA SER A 73 -43.60 -5.79 9.89
C SER A 73 -42.10 -5.73 10.18
N GLN A 74 -41.50 -6.90 10.35
CA GLN A 74 -40.07 -7.00 10.60
C GLN A 74 -39.26 -6.51 9.39
N LEU A 75 -39.74 -6.83 8.18
CA LEU A 75 -39.09 -6.39 6.96
C LEU A 75 -39.14 -4.87 6.87
N GLN A 76 -40.33 -4.32 7.14
CA GLN A 76 -40.55 -2.88 7.12
C GLN A 76 -39.63 -2.15 8.10
N ALA A 77 -39.52 -2.69 9.31
CA ALA A 77 -38.69 -2.09 10.34
C ALA A 77 -37.21 -2.18 9.96
N THR A 78 -36.83 -3.32 9.37
CA THR A 78 -35.44 -3.55 9.00
C THR A 78 -34.98 -2.58 7.91
N GLN A 79 -35.83 -2.35 6.92
CA GLN A 79 -35.55 -1.38 5.88
C GLN A 79 -35.36 0.00 6.49
N ALA A 80 -36.23 0.36 7.41
CA ALA A 80 -36.15 1.65 8.10
C ALA A 80 -34.80 1.80 8.79
N ALA A 81 -34.36 0.72 9.43
CA ALA A 81 -33.06 0.69 10.08
C ALA A 81 -31.94 0.85 9.05
N ARG A 82 -32.08 0.14 7.94
CA ARG A 82 -31.09 0.22 6.86
C ARG A 82 -30.93 1.66 6.37
N LYS A 83 -32.05 2.38 6.25
CA LYS A 83 -32.01 3.75 5.76
C LYS A 83 -31.36 4.71 6.76
N LEU A 84 -31.65 4.52 8.04
CA LEU A 84 -30.97 5.28 9.08
C LEU A 84 -29.46 5.06 8.98
N LEU A 85 -29.07 3.79 8.92
CA LEU A 85 -27.67 3.40 8.87
C LEU A 85 -27.01 3.77 7.55
N SER A 86 -27.82 4.11 6.55
CA SER A 86 -27.31 4.45 5.22
C SER A 86 -27.03 5.94 5.05
N ARG A 87 -27.29 6.72 6.10
CA ARG A 87 -27.06 8.15 6.02
C ARG A 87 -25.60 8.51 6.28
N GLU A 88 -25.06 9.44 5.48
CA GLU A 88 -23.66 9.80 5.55
C GLU A 88 -23.30 10.64 6.78
N LYS A 89 -24.27 11.37 7.30
CA LYS A 89 -24.05 12.21 8.46
C LYS A 89 -24.35 11.47 9.76
N GLN A 90 -23.31 10.99 10.43
CA GLN A 90 -23.45 10.36 11.75
C GLN A 90 -24.63 9.40 11.85
N PRO A 91 -24.55 8.26 11.14
CA PRO A 91 -25.57 7.22 11.30
C PRO A 91 -25.59 6.72 12.74
N PRO A 92 -26.79 6.51 13.30
CA PRO A 92 -26.93 6.11 14.70
C PRO A 92 -26.54 4.65 14.91
N ILE A 93 -25.28 4.33 14.63
CA ILE A 93 -24.79 2.95 14.75
C ILE A 93 -24.83 2.46 16.20
N ASP A 94 -24.33 3.27 17.12
CA ASP A 94 -24.32 2.89 18.54
C ASP A 94 -25.73 2.76 19.10
N ASN A 95 -26.65 3.60 18.63
CA ASN A 95 -28.05 3.52 19.05
C ASN A 95 -28.69 2.21 18.61
N ILE A 96 -28.43 1.81 17.36
CA ILE A 96 -28.95 0.55 16.84
C ILE A 96 -28.36 -0.65 17.59
N ILE A 97 -27.08 -0.57 17.93
CA ILE A 97 -26.42 -1.62 18.69
C ILE A 97 -27.00 -1.74 20.09
N ARG A 98 -27.16 -0.60 20.77
CA ARG A 98 -27.69 -0.58 22.13
C ARG A 98 -29.12 -1.12 22.20
N ALA A 99 -29.85 -1.01 21.10
CA ALA A 99 -31.22 -1.51 21.04
C ALA A 99 -31.26 -3.04 20.91
N GLY A 100 -30.08 -3.64 20.78
CA GLY A 100 -29.97 -5.09 20.68
C GLY A 100 -30.58 -5.66 19.42
N LEU A 101 -30.45 -4.94 18.31
CA LEU A 101 -31.06 -5.34 17.04
C LEU A 101 -30.21 -6.29 16.22
N ILE A 102 -28.92 -6.40 16.55
CA ILE A 102 -27.99 -7.21 15.77
C ILE A 102 -28.39 -8.68 15.66
N PRO A 103 -28.63 -9.35 16.81
CA PRO A 103 -29.01 -10.77 16.76
C PRO A 103 -30.23 -10.98 15.86
N LYS A 104 -31.15 -10.02 15.87
CA LYS A 104 -32.34 -10.09 15.03
C LYS A 104 -31.98 -9.98 13.55
N PHE A 105 -31.12 -9.01 13.23
CA PHE A 105 -30.63 -8.84 11.86
C PHE A 105 -29.95 -10.12 11.38
N VAL A 106 -29.11 -10.70 12.22
CA VAL A 106 -28.38 -11.92 11.87
C VAL A 106 -29.33 -13.07 11.55
N SER A 107 -30.40 -13.21 12.33
CA SER A 107 -31.37 -14.29 12.10
C SER A 107 -32.14 -14.07 10.79
N PHE A 108 -32.29 -12.80 10.42
CA PHE A 108 -33.01 -12.46 9.19
C PHE A 108 -32.18 -12.86 7.96
N LEU A 109 -30.87 -12.99 8.15
CA LEU A 109 -29.98 -13.39 7.08
C LEU A 109 -30.31 -14.79 6.55
N GLY A 110 -30.89 -15.61 7.42
CA GLY A 110 -31.20 -16.99 7.07
C GLY A 110 -32.64 -17.22 6.65
N LYS A 111 -33.40 -16.16 6.46
CA LYS A 111 -34.80 -16.26 6.06
C LYS A 111 -34.92 -16.41 4.54
N THR A 112 -34.67 -17.62 4.05
CA THR A 112 -34.63 -17.89 2.61
C THR A 112 -35.92 -17.53 1.87
N ASP A 113 -37.06 -17.65 2.54
CA ASP A 113 -38.35 -17.38 1.91
C ASP A 113 -38.66 -15.90 1.78
N CYS A 114 -37.88 -15.06 2.45
CA CYS A 114 -38.08 -13.62 2.40
C CYS A 114 -36.80 -12.90 2.03
N SER A 115 -36.40 -13.01 0.76
CA SER A 115 -35.15 -12.43 0.29
C SER A 115 -34.99 -10.94 0.59
N PRO A 116 -36.07 -10.15 0.46
CA PRO A 116 -35.96 -8.72 0.77
C PRO A 116 -35.42 -8.46 2.17
N ILE A 117 -35.85 -9.23 3.16
CA ILE A 117 -35.37 -9.02 4.52
C ILE A 117 -33.95 -9.56 4.69
N GLN A 118 -33.58 -10.53 3.87
CA GLN A 118 -32.20 -11.01 3.82
C GLN A 118 -31.32 -9.87 3.34
N PHE A 119 -31.78 -9.18 2.30
CA PHE A 119 -31.03 -8.08 1.70
C PHE A 119 -30.93 -6.88 2.63
N GLU A 120 -32.06 -6.50 3.22
CA GLU A 120 -32.11 -5.34 4.10
C GLU A 120 -31.24 -5.49 5.34
N SER A 121 -31.27 -6.68 5.95
CA SER A 121 -30.47 -6.91 7.14
C SER A 121 -28.98 -7.01 6.82
N ALA A 122 -28.67 -7.60 5.66
CA ALA A 122 -27.29 -7.70 5.21
C ALA A 122 -26.73 -6.30 5.01
N TRP A 123 -27.53 -5.43 4.43
CA TRP A 123 -27.15 -4.05 4.18
C TRP A 123 -27.02 -3.29 5.51
N ALA A 124 -27.95 -3.53 6.42
CA ALA A 124 -27.92 -2.90 7.74
C ALA A 124 -26.68 -3.32 8.53
N LEU A 125 -26.36 -4.61 8.47
CA LEU A 125 -25.19 -5.14 9.17
C LEU A 125 -23.90 -4.67 8.53
N THR A 126 -23.90 -4.57 7.20
CA THR A 126 -22.74 -4.08 6.48
C THR A 126 -22.33 -2.71 7.00
N ASN A 127 -23.30 -1.82 7.15
CA ASN A 127 -23.03 -0.45 7.60
C ASN A 127 -22.64 -0.35 9.06
N ILE A 128 -23.11 -1.29 9.88
CA ILE A 128 -22.66 -1.37 11.26
C ILE A 128 -21.22 -1.83 11.28
N ALA A 129 -20.90 -2.79 10.41
CA ALA A 129 -19.55 -3.35 10.34
C ALA A 129 -18.56 -2.37 9.72
N SER A 130 -19.08 -1.30 9.12
CA SER A 130 -18.24 -0.31 8.48
C SER A 130 -17.73 0.73 9.48
N GLY A 131 -18.18 0.62 10.72
CA GLY A 131 -17.80 1.57 11.75
C GLY A 131 -16.48 1.26 12.43
N THR A 132 -16.40 1.58 13.71
CA THR A 132 -15.19 1.35 14.50
C THR A 132 -14.98 -0.14 14.76
N SER A 133 -13.81 -0.50 15.29
CA SER A 133 -13.51 -1.89 15.61
C SER A 133 -14.55 -2.47 16.57
N GLU A 134 -14.99 -1.65 17.53
CA GLU A 134 -16.02 -2.08 18.47
C GLU A 134 -17.33 -2.41 17.76
N GLN A 135 -17.68 -1.59 16.78
CA GLN A 135 -18.93 -1.76 16.06
C GLN A 135 -18.88 -2.97 15.13
N THR A 136 -17.72 -3.21 14.54
CA THR A 136 -17.51 -4.40 13.72
C THR A 136 -17.54 -5.64 14.60
N LYS A 137 -16.93 -5.54 15.78
CA LYS A 137 -16.93 -6.63 16.74
C LYS A 137 -18.34 -7.02 17.14
N ALA A 138 -19.21 -6.03 17.26
CA ALA A 138 -20.60 -6.27 17.62
C ALA A 138 -21.28 -7.15 16.57
N VAL A 139 -21.00 -6.86 15.30
CA VAL A 139 -21.55 -7.64 14.20
C VAL A 139 -21.02 -9.07 14.24
N VAL A 140 -19.71 -9.22 14.42
CA VAL A 140 -19.09 -10.53 14.54
C VAL A 140 -19.64 -11.29 15.74
N ASP A 141 -19.73 -10.61 16.88
CA ASP A 141 -20.23 -11.21 18.11
C ASP A 141 -21.63 -11.80 17.95
N GLY A 142 -22.39 -11.28 16.98
CA GLY A 142 -23.74 -11.73 16.74
C GLY A 142 -23.85 -12.96 15.85
N GLY A 143 -22.70 -13.48 15.42
CA GLY A 143 -22.66 -14.66 14.57
C GLY A 143 -22.85 -14.37 13.09
N ALA A 144 -22.49 -13.16 12.68
CA ALA A 144 -22.73 -12.71 11.31
C ALA A 144 -21.83 -13.40 10.27
N ILE A 145 -20.61 -13.75 10.66
CA ILE A 145 -19.64 -14.32 9.71
C ILE A 145 -20.14 -15.55 8.94
N PRO A 146 -20.53 -16.61 9.67
CA PRO A 146 -21.02 -17.81 8.96
C PRO A 146 -22.30 -17.53 8.18
N ALA A 147 -23.15 -16.65 8.71
CA ALA A 147 -24.42 -16.33 8.06
C ALA A 147 -24.19 -15.62 6.72
N PHE A 148 -23.20 -14.73 6.68
CA PHE A 148 -22.87 -14.03 5.45
C PHE A 148 -22.23 -14.95 4.41
N ILE A 149 -21.39 -15.86 4.89
CA ILE A 149 -20.74 -16.82 4.00
C ILE A 149 -21.77 -17.74 3.34
N SER A 150 -22.85 -18.04 4.08
CA SER A 150 -23.94 -18.83 3.53
C SER A 150 -24.67 -18.06 2.43
N LEU A 151 -24.68 -16.73 2.55
CA LEU A 151 -25.37 -15.89 1.58
C LEU A 151 -24.59 -15.70 0.29
N LEU A 152 -23.31 -16.07 0.29
CA LEU A 152 -22.49 -15.95 -0.91
C LEU A 152 -23.06 -16.81 -2.04
N ALA A 153 -23.80 -17.85 -1.67
CA ALA A 153 -24.36 -18.77 -2.65
C ALA A 153 -25.79 -18.43 -3.02
N SER A 154 -26.26 -17.26 -2.58
CA SER A 154 -27.61 -16.82 -2.87
C SER A 154 -27.84 -16.68 -4.37
N PRO A 155 -29.01 -17.13 -4.85
CA PRO A 155 -29.37 -17.01 -6.26
C PRO A 155 -29.63 -15.55 -6.65
N HIS A 156 -29.76 -14.70 -5.64
CA HIS A 156 -30.00 -13.28 -5.86
C HIS A 156 -28.67 -12.51 -5.81
N ALA A 157 -28.23 -12.06 -6.97
CA ALA A 157 -26.93 -11.40 -7.10
C ALA A 157 -26.74 -10.27 -6.10
N HIS A 158 -27.76 -9.44 -5.93
CA HIS A 158 -27.67 -8.27 -5.05
C HIS A 158 -27.50 -8.67 -3.59
N ILE A 159 -27.90 -9.89 -3.25
CA ILE A 159 -27.79 -10.38 -1.89
C ILE A 159 -26.41 -10.96 -1.60
N SER A 160 -25.89 -11.74 -2.54
CA SER A 160 -24.54 -12.29 -2.41
C SER A 160 -23.52 -11.15 -2.43
N GLU A 161 -23.79 -10.13 -3.25
CA GLU A 161 -22.91 -8.97 -3.32
C GLU A 161 -22.87 -8.26 -1.98
N GLN A 162 -24.02 -8.17 -1.33
CA GLN A 162 -24.09 -7.51 -0.02
C GLN A 162 -23.31 -8.33 1.02
N ALA A 163 -23.35 -9.64 0.86
CA ALA A 163 -22.60 -10.54 1.74
C ALA A 163 -21.11 -10.36 1.52
N VAL A 164 -20.72 -10.26 0.24
CA VAL A 164 -19.33 -9.99 -0.11
C VAL A 164 -18.88 -8.69 0.53
N TRP A 165 -19.70 -7.66 0.38
CA TRP A 165 -19.44 -6.34 0.95
C TRP A 165 -19.27 -6.42 2.46
N ALA A 166 -20.16 -7.17 3.12
CA ALA A 166 -20.12 -7.31 4.57
C ALA A 166 -18.84 -8.00 5.04
N LEU A 167 -18.49 -9.10 4.41
CA LEU A 167 -17.27 -9.83 4.76
C LEU A 167 -16.04 -8.96 4.53
N GLY A 168 -16.11 -8.10 3.51
CA GLY A 168 -15.04 -7.17 3.23
C GLY A 168 -14.79 -6.23 4.39
N ASN A 169 -15.87 -5.71 4.98
CA ASN A 169 -15.76 -4.81 6.12
C ASN A 169 -15.25 -5.50 7.38
N ILE A 170 -15.68 -6.74 7.58
CA ILE A 170 -15.23 -7.52 8.73
C ILE A 170 -13.74 -7.85 8.61
N ALA A 171 -13.34 -8.36 7.45
CA ALA A 171 -11.94 -8.69 7.21
C ALA A 171 -11.07 -7.44 7.28
N GLY A 172 -11.61 -6.32 6.82
CA GLY A 172 -10.86 -5.08 6.77
C GLY A 172 -10.54 -4.47 8.12
N ASP A 173 -11.15 -5.00 9.17
CA ASP A 173 -10.90 -4.49 10.52
C ASP A 173 -9.47 -4.73 10.97
N GLY A 174 -8.94 -5.91 10.65
CA GLY A 174 -7.59 -6.26 11.03
C GLY A 174 -7.25 -7.73 10.86
N SER A 175 -6.05 -8.11 11.31
CA SER A 175 -5.54 -9.47 11.14
C SER A 175 -6.47 -10.53 11.72
N ALA A 176 -6.89 -10.35 12.96
CA ALA A 176 -7.69 -11.35 13.67
C ALA A 176 -9.01 -11.67 12.95
N PHE A 177 -9.81 -10.64 12.70
CA PHE A 177 -11.09 -10.84 12.02
C PHE A 177 -10.89 -11.34 10.60
N ARG A 178 -9.82 -10.87 9.96
CA ARG A 178 -9.44 -11.36 8.63
C ARG A 178 -9.23 -12.86 8.67
N ASP A 179 -8.39 -13.32 9.60
CA ASP A 179 -8.09 -14.73 9.72
C ASP A 179 -9.29 -15.52 10.21
N LEU A 180 -10.18 -14.86 10.94
CA LEU A 180 -11.39 -15.52 11.42
C LEU A 180 -12.36 -15.75 10.27
N VAL A 181 -12.46 -14.77 9.38
CA VAL A 181 -13.29 -14.91 8.19
C VAL A 181 -12.75 -16.03 7.32
N ILE A 182 -11.44 -16.17 7.29
CA ILE A 182 -10.78 -17.22 6.51
C ILE A 182 -11.05 -18.60 7.11
N LYS A 183 -10.99 -18.70 8.43
CA LYS A 183 -11.27 -19.97 9.11
C LYS A 183 -12.70 -20.45 8.87
N HIS A 184 -13.65 -19.52 8.81
CA HIS A 184 -15.03 -19.87 8.54
C HIS A 184 -15.21 -20.36 7.10
N GLY A 185 -14.17 -20.21 6.29
CA GLY A 185 -14.17 -20.75 4.94
C GLY A 185 -14.79 -19.84 3.89
N ALA A 186 -14.52 -18.54 3.98
CA ALA A 186 -15.09 -17.58 3.06
C ALA A 186 -14.44 -17.61 1.68
N ILE A 187 -13.19 -18.07 1.61
CA ILE A 187 -12.42 -17.98 0.37
C ILE A 187 -12.98 -18.82 -0.78
N ASP A 188 -13.29 -20.09 -0.51
CA ASP A 188 -13.84 -20.96 -1.55
C ASP A 188 -15.07 -20.37 -2.25
N PRO A 189 -16.11 -20.03 -1.48
CA PRO A 189 -17.32 -19.46 -2.10
C PRO A 189 -17.06 -18.12 -2.78
N LEU A 190 -16.13 -17.33 -2.25
CA LEU A 190 -15.77 -16.06 -2.87
C LEU A 190 -15.15 -16.26 -4.25
N LEU A 191 -14.19 -17.17 -4.33
CA LEU A 191 -13.49 -17.43 -5.60
C LEU A 191 -14.42 -18.06 -6.64
N ALA A 192 -15.37 -18.86 -6.16
CA ALA A 192 -16.32 -19.52 -7.06
C ALA A 192 -17.17 -18.50 -7.82
N LEU A 193 -17.42 -17.36 -7.19
CA LEU A 193 -18.20 -16.29 -7.81
C LEU A 193 -17.44 -15.66 -8.98
N LEU A 194 -16.12 -15.82 -8.96
CA LEU A 194 -15.27 -15.24 -9.99
C LEU A 194 -14.82 -16.29 -11.00
N ALA A 195 -15.26 -17.52 -10.81
CA ALA A 195 -14.88 -18.62 -11.69
C ALA A 195 -15.72 -18.66 -12.96
N VAL A 196 -15.47 -17.70 -13.85
CA VAL A 196 -16.16 -17.64 -15.13
C VAL A 196 -15.13 -17.51 -16.25
N PRO A 197 -15.51 -17.89 -17.48
CA PRO A 197 -14.57 -17.80 -18.62
C PRO A 197 -14.08 -16.39 -18.86
N ASP A 198 -14.96 -15.40 -18.63
CA ASP A 198 -14.61 -14.00 -18.90
C ASP A 198 -15.26 -13.07 -17.88
N LEU A 199 -14.42 -12.37 -17.12
CA LEU A 199 -14.89 -11.49 -16.04
C LEU A 199 -15.85 -10.40 -16.54
N SER A 200 -15.78 -10.08 -17.83
CA SER A 200 -16.59 -9.01 -18.40
C SER A 200 -18.09 -9.29 -18.35
N THR A 201 -18.46 -10.55 -18.16
CA THR A 201 -19.87 -10.92 -18.12
C THR A 201 -20.48 -10.63 -16.75
N LEU A 202 -19.64 -10.33 -15.78
CA LEU A 202 -20.10 -9.97 -14.45
C LEU A 202 -20.41 -8.47 -14.39
N ALA A 203 -21.39 -8.10 -13.58
CA ALA A 203 -21.74 -6.69 -13.41
C ALA A 203 -20.55 -5.95 -12.79
N CYS A 204 -20.30 -4.75 -13.30
CA CYS A 204 -19.16 -3.95 -12.86
C CYS A 204 -19.09 -3.78 -11.35
N GLY A 205 -20.20 -3.36 -10.74
CA GLY A 205 -20.27 -3.15 -9.31
C GLY A 205 -19.98 -4.41 -8.53
N TYR A 206 -20.53 -5.53 -9.01
CA TYR A 206 -20.34 -6.82 -8.38
C TYR A 206 -18.87 -7.19 -8.36
N LEU A 207 -18.22 -7.06 -9.51
CA LEU A 207 -16.81 -7.38 -9.66
C LEU A 207 -15.92 -6.50 -8.79
N ARG A 208 -16.24 -5.21 -8.74
CA ARG A 208 -15.47 -4.27 -7.93
C ARG A 208 -15.53 -4.61 -6.45
N ASN A 209 -16.70 -5.02 -5.97
CA ASN A 209 -16.85 -5.43 -4.58
C ASN A 209 -16.06 -6.69 -4.27
N LEU A 210 -16.17 -7.69 -5.14
CA LEU A 210 -15.42 -8.93 -4.98
C LEU A 210 -13.92 -8.67 -4.92
N THR A 211 -13.43 -7.83 -5.81
CA THR A 211 -12.02 -7.48 -5.84
C THR A 211 -11.60 -6.82 -4.54
N TRP A 212 -12.42 -5.86 -4.09
CA TRP A 212 -12.12 -5.12 -2.87
C TRP A 212 -12.06 -6.03 -1.64
N THR A 213 -13.06 -6.88 -1.49
CA THR A 213 -13.10 -7.81 -0.36
C THR A 213 -11.88 -8.73 -0.37
N LEU A 214 -11.53 -9.24 -1.54
CA LEU A 214 -10.35 -10.09 -1.68
C LEU A 214 -9.08 -9.34 -1.27
N SER A 215 -9.02 -8.06 -1.60
CA SER A 215 -7.85 -7.25 -1.26
C SER A 215 -7.70 -7.09 0.24
N ASN A 216 -8.82 -7.07 0.96
CA ASN A 216 -8.80 -7.00 2.41
C ASN A 216 -8.34 -8.31 3.04
N LEU A 217 -8.62 -9.42 2.36
CA LEU A 217 -8.17 -10.72 2.81
C LEU A 217 -6.66 -10.87 2.63
N CYS A 218 -6.08 -10.01 1.81
CA CYS A 218 -4.64 -10.01 1.57
C CYS A 218 -3.94 -8.95 2.40
N ARG A 219 -4.72 -8.18 3.14
CA ARG A 219 -4.21 -6.99 3.83
C ARG A 219 -3.78 -7.24 5.29
N ASN A 220 -2.87 -6.40 5.76
CA ASN A 220 -2.43 -6.39 7.15
C ASN A 220 -1.31 -7.37 7.50
N LYS A 221 -0.55 -7.01 8.53
CA LYS A 221 0.57 -7.82 9.00
C LYS A 221 0.42 -8.15 10.47
N ASN A 222 1.41 -8.84 11.04
CA ASN A 222 1.38 -9.24 12.43
C ASN A 222 0.06 -9.91 12.83
N PRO A 223 -0.24 -11.06 12.23
CA PRO A 223 0.59 -11.70 11.20
C PRO A 223 0.04 -11.43 9.81
N ALA A 224 0.81 -11.79 8.79
CA ALA A 224 0.35 -11.72 7.41
C ALA A 224 -0.68 -12.84 7.21
N PRO A 225 -1.46 -12.76 6.12
CA PRO A 225 -2.45 -13.81 5.86
C PRO A 225 -1.77 -15.17 5.77
N PRO A 226 -2.51 -16.24 6.11
CA PRO A 226 -1.96 -17.60 6.04
C PRO A 226 -1.44 -17.90 4.63
N LEU A 227 -0.30 -18.58 4.54
CA LEU A 227 0.33 -18.89 3.26
C LEU A 227 -0.62 -19.58 2.29
N ASP A 228 -1.30 -20.63 2.77
CA ASP A 228 -2.23 -21.38 1.92
C ASP A 228 -3.37 -20.51 1.43
N ALA A 229 -3.75 -19.52 2.24
CA ALA A 229 -4.80 -18.59 1.85
C ALA A 229 -4.32 -17.72 0.70
N VAL A 230 -3.08 -17.25 0.79
CA VAL A 230 -2.50 -16.43 -0.26
C VAL A 230 -2.36 -17.23 -1.55
N GLU A 231 -1.88 -18.46 -1.44
CA GLU A 231 -1.73 -19.33 -2.60
C GLU A 231 -3.08 -19.58 -3.28
N GLN A 232 -4.10 -19.79 -2.46
CA GLN A 232 -5.44 -20.07 -2.94
C GLN A 232 -6.03 -18.89 -3.70
N ILE A 233 -5.69 -17.68 -3.24
CA ILE A 233 -6.26 -16.46 -3.80
C ILE A 233 -5.49 -15.93 -5.01
N LEU A 234 -4.18 -16.10 -4.99
CA LEU A 234 -3.31 -15.49 -6.01
C LEU A 234 -3.76 -15.66 -7.47
N PRO A 235 -4.05 -16.89 -7.90
CA PRO A 235 -4.41 -17.11 -9.30
C PRO A 235 -5.58 -16.23 -9.76
N THR A 236 -6.60 -16.09 -8.93
CA THR A 236 -7.74 -15.24 -9.25
C THR A 236 -7.31 -13.78 -9.23
N LEU A 237 -6.44 -13.44 -8.27
CA LEU A 237 -5.95 -12.08 -8.13
C LEU A 237 -5.16 -11.65 -9.37
N VAL A 238 -4.32 -12.55 -9.88
CA VAL A 238 -3.55 -12.27 -11.08
C VAL A 238 -4.49 -11.99 -12.25
N ARG A 239 -5.59 -12.74 -12.30
CA ARG A 239 -6.58 -12.60 -13.35
CA ARG A 239 -6.57 -12.59 -13.36
C ARG A 239 -7.27 -11.24 -13.29
N LEU A 240 -7.57 -10.80 -12.07
CA LEU A 240 -8.20 -9.50 -11.87
C LEU A 240 -7.23 -8.38 -12.23
N LEU A 241 -5.94 -8.67 -12.09
CA LEU A 241 -4.88 -7.70 -12.37
C LEU A 241 -4.82 -7.38 -13.85
N HIS A 242 -5.50 -8.17 -14.67
CA HIS A 242 -5.51 -7.96 -16.12
C HIS A 242 -6.86 -7.44 -16.61
N HIS A 243 -7.79 -7.22 -15.69
CA HIS A 243 -9.12 -6.73 -16.06
C HIS A 243 -9.05 -5.27 -16.51
N ASN A 244 -10.02 -4.86 -17.31
CA ASN A 244 -9.99 -3.53 -17.94
C ASN A 244 -10.56 -2.41 -17.07
N ASP A 245 -11.18 -2.77 -15.95
CA ASP A 245 -11.81 -1.78 -15.08
C ASP A 245 -10.80 -1.14 -14.13
N PRO A 246 -10.76 0.20 -14.10
CA PRO A 246 -9.81 1.00 -13.33
C PRO A 246 -9.88 0.73 -11.82
N GLU A 247 -11.08 0.57 -11.29
CA GLU A 247 -11.23 0.32 -9.85
C GLU A 247 -10.84 -1.10 -9.47
N VAL A 248 -11.13 -2.05 -10.35
CA VAL A 248 -10.71 -3.44 -10.15
C VAL A 248 -9.18 -3.52 -10.20
N LEU A 249 -8.59 -2.76 -11.12
CA LEU A 249 -7.13 -2.71 -11.26
C LEU A 249 -6.47 -2.08 -10.04
N ALA A 250 -7.01 -0.95 -9.60
CA ALA A 250 -6.48 -0.25 -8.43
C ALA A 250 -6.45 -1.16 -7.20
N ASP A 251 -7.57 -1.81 -6.91
CA ASP A 251 -7.68 -2.69 -5.76
C ASP A 251 -6.90 -3.99 -5.92
N SER A 252 -6.69 -4.41 -7.17
CA SER A 252 -5.86 -5.57 -7.44
C SER A 252 -4.40 -5.26 -7.15
N CYS A 253 -3.96 -4.05 -7.50
CA CYS A 253 -2.62 -3.60 -7.20
C CYS A 253 -2.41 -3.45 -5.70
N TRP A 254 -3.41 -2.92 -5.01
CA TRP A 254 -3.35 -2.81 -3.55
C TRP A 254 -3.17 -4.18 -2.91
N ALA A 255 -3.92 -5.16 -3.41
CA ALA A 255 -3.81 -6.52 -2.91
C ALA A 255 -2.39 -7.04 -3.10
N ILE A 256 -1.85 -6.87 -4.30
CA ILE A 256 -0.48 -7.28 -4.60
C ILE A 256 0.53 -6.53 -3.76
N SER A 257 0.25 -5.27 -3.46
CA SER A 257 1.14 -4.45 -2.63
C SER A 257 1.16 -4.97 -1.20
N TYR A 258 0.01 -5.39 -0.70
CA TYR A 258 -0.07 -5.97 0.63
C TYR A 258 0.72 -7.27 0.69
N LEU A 259 0.55 -8.10 -0.33
CA LEU A 259 1.18 -9.42 -0.37
C LEU A 259 2.69 -9.34 -0.49
N THR A 260 3.18 -8.31 -1.16
CA THR A 260 4.63 -8.14 -1.35
C THR A 260 5.25 -7.33 -0.23
N ASP A 261 4.43 -6.89 0.71
CA ASP A 261 4.92 -6.13 1.86
C ASP A 261 5.29 -7.07 3.01
N GLY A 262 6.41 -7.76 2.84
CA GLY A 262 6.89 -8.69 3.85
C GLY A 262 8.25 -9.27 3.49
N PRO A 263 8.60 -10.41 4.10
CA PRO A 263 9.87 -11.10 3.87
C PRO A 263 10.00 -11.60 2.43
N ASN A 264 11.21 -11.96 2.04
CA ASN A 264 11.49 -12.39 0.66
C ASN A 264 10.61 -13.55 0.17
N GLU A 265 10.24 -14.45 1.09
CA GLU A 265 9.42 -15.59 0.73
C GLU A 265 8.04 -15.15 0.24
N ARG A 266 7.47 -14.16 0.91
CA ARG A 266 6.19 -13.61 0.51
C ARG A 266 6.30 -12.94 -0.86
N ILE A 267 7.37 -12.18 -1.05
CA ILE A 267 7.62 -11.52 -2.33
C ILE A 267 7.75 -12.54 -3.45
N GLU A 268 8.39 -13.67 -3.15
CA GLU A 268 8.60 -14.72 -4.14
C GLU A 268 7.30 -15.36 -4.60
N MET A 269 6.38 -15.59 -3.67
CA MET A 269 5.08 -16.17 -3.98
C MET A 269 4.40 -15.39 -5.10
N VAL A 270 4.50 -14.07 -5.03
CA VAL A 270 3.84 -13.19 -5.99
C VAL A 270 4.63 -13.12 -7.29
N VAL A 271 5.93 -12.86 -7.16
CA VAL A 271 6.82 -12.73 -8.31
C VAL A 271 6.77 -13.95 -9.24
N LYS A 272 6.71 -15.14 -8.65
CA LYS A 272 6.70 -16.38 -9.42
C LYS A 272 5.42 -16.56 -10.23
N LYS A 273 4.44 -15.71 -9.98
CA LYS A 273 3.19 -15.77 -10.71
C LYS A 273 3.26 -14.95 -11.99
N GLY A 274 4.37 -14.23 -12.15
CA GLY A 274 4.64 -13.49 -13.37
C GLY A 274 3.88 -12.19 -13.51
N VAL A 275 3.62 -11.52 -12.39
CA VAL A 275 2.82 -10.30 -12.40
C VAL A 275 3.64 -9.03 -12.62
N VAL A 276 4.95 -9.14 -12.53
CA VAL A 276 5.83 -7.97 -12.64
C VAL A 276 5.65 -7.17 -13.93
N PRO A 277 5.65 -7.85 -15.09
CA PRO A 277 5.43 -7.13 -16.34
C PRO A 277 4.13 -6.32 -16.32
N GLN A 278 3.06 -6.93 -15.80
CA GLN A 278 1.77 -6.26 -15.72
C GLN A 278 1.81 -5.09 -14.75
N LEU A 279 2.48 -5.27 -13.62
CA LEU A 279 2.64 -4.18 -12.66
C LEU A 279 3.36 -3.01 -13.30
N VAL A 280 4.43 -3.31 -14.04
CA VAL A 280 5.20 -2.28 -14.72
C VAL A 280 4.33 -1.53 -15.72
N LYS A 281 3.46 -2.25 -16.40
CA LYS A 281 2.53 -1.64 -17.34
C LYS A 281 1.55 -0.72 -16.62
N LEU A 282 0.94 -1.21 -15.55
CA LEU A 282 0.02 -0.41 -14.76
C LEU A 282 0.74 0.77 -14.13
N LEU A 283 2.04 0.60 -13.92
CA LEU A 283 2.88 1.65 -13.36
C LEU A 283 2.87 2.88 -14.26
N GLY A 284 2.59 2.67 -15.54
CA GLY A 284 2.56 3.75 -16.51
C GLY A 284 1.16 4.24 -16.83
N ALA A 285 0.16 3.69 -16.15
CA ALA A 285 -1.23 4.08 -16.39
C ALA A 285 -1.42 5.57 -16.08
N THR A 286 -2.49 6.15 -16.62
CA THR A 286 -2.77 7.57 -16.42
C THR A 286 -3.46 7.83 -15.08
N GLU A 287 -4.25 6.88 -14.64
CA GLU A 287 -5.00 7.02 -13.38
C GLU A 287 -4.08 6.94 -12.17
N LEU A 288 -4.09 8.01 -11.36
CA LEU A 288 -3.29 8.05 -10.14
C LEU A 288 -3.62 6.92 -9.16
N PRO A 289 -4.92 6.60 -9.01
CA PRO A 289 -5.32 5.52 -8.09
C PRO A 289 -4.77 4.16 -8.51
N ILE A 290 -4.31 4.05 -9.75
CA ILE A 290 -3.71 2.80 -10.23
C ILE A 290 -2.20 2.83 -10.07
N VAL A 291 -1.60 3.97 -10.43
CA VAL A 291 -0.16 4.16 -10.31
C VAL A 291 0.33 4.00 -8.88
N THR A 292 -0.42 4.58 -7.94
CA THR A 292 -0.03 4.59 -6.54
C THR A 292 0.22 3.18 -5.96
N PRO A 293 -0.78 2.28 -6.09
CA PRO A 293 -0.58 0.92 -5.57
C PRO A 293 0.41 0.12 -6.39
N ALA A 294 0.46 0.37 -7.70
CA ALA A 294 1.40 -0.32 -8.59
C ALA A 294 2.83 0.00 -8.20
N LEU A 295 3.09 1.29 -7.95
CA LEU A 295 4.40 1.74 -7.52
C LEU A 295 4.75 1.17 -6.15
N ARG A 296 3.76 1.11 -5.28
CA ARG A 296 3.94 0.53 -3.96
C ARG A 296 4.38 -0.93 -4.07
N ALA A 297 3.75 -1.67 -4.98
CA ALA A 297 4.05 -3.07 -5.18
C ALA A 297 5.47 -3.27 -5.72
N ILE A 298 5.81 -2.51 -6.75
CA ILE A 298 7.16 -2.53 -7.31
C ILE A 298 8.17 -2.16 -6.24
N GLY A 299 7.85 -1.15 -5.44
CA GLY A 299 8.70 -0.71 -4.35
C GLY A 299 8.93 -1.82 -3.34
N ASN A 300 7.87 -2.55 -3.01
CA ASN A 300 7.98 -3.67 -2.08
C ASN A 300 8.84 -4.79 -2.64
N ILE A 301 8.71 -5.05 -3.94
CA ILE A 301 9.43 -6.15 -4.59
C ILE A 301 10.94 -5.93 -4.60
N VAL A 302 11.37 -4.68 -4.79
CA VAL A 302 12.79 -4.36 -4.86
C VAL A 302 13.45 -4.24 -3.49
N THR A 303 12.68 -4.53 -2.43
CA THR A 303 13.25 -4.60 -1.10
C THR A 303 13.72 -6.03 -0.82
N GLY A 304 13.43 -6.91 -1.76
CA GLY A 304 13.80 -8.32 -1.63
C GLY A 304 15.19 -8.62 -2.16
N THR A 305 15.36 -9.80 -2.75
CA THR A 305 16.65 -10.23 -3.25
C THR A 305 17.03 -9.52 -4.54
N ASP A 306 18.31 -9.56 -4.88
CA ASP A 306 18.81 -8.96 -6.11
C ASP A 306 18.13 -9.57 -7.32
N GLU A 307 17.85 -10.88 -7.24
CA GLU A 307 17.15 -11.57 -8.34
C GLU A 307 15.72 -11.05 -8.50
N GLN A 308 15.01 -10.89 -7.38
CA GLN A 308 13.66 -10.36 -7.42
C GLN A 308 13.66 -8.93 -7.97
N THR A 309 14.64 -8.14 -7.54
CA THR A 309 14.80 -6.77 -8.04
C THR A 309 15.06 -6.79 -9.54
N GLN A 310 15.88 -7.74 -9.98
CA GLN A 310 16.27 -7.84 -11.39
C GLN A 310 15.06 -8.04 -12.30
N LYS A 311 14.07 -8.78 -11.82
CA LYS A 311 12.87 -9.02 -12.60
C LYS A 311 12.12 -7.71 -12.88
N VAL A 312 12.13 -6.81 -11.90
CA VAL A 312 11.53 -5.50 -12.08
C VAL A 312 12.28 -4.72 -13.15
N ILE A 313 13.60 -4.78 -13.10
CA ILE A 313 14.45 -4.12 -14.10
C ILE A 313 14.23 -4.71 -15.49
N ASP A 314 14.23 -6.04 -15.58
CA ASP A 314 14.04 -6.72 -16.86
C ASP A 314 12.68 -6.41 -17.48
N ALA A 315 11.69 -6.16 -16.63
CA ALA A 315 10.34 -5.86 -17.10
C ALA A 315 10.25 -4.46 -17.71
N GLY A 316 11.32 -3.68 -17.54
CA GLY A 316 11.39 -2.36 -18.14
C GLY A 316 10.87 -1.25 -17.23
N ALA A 317 10.94 -1.47 -15.92
CA ALA A 317 10.40 -0.53 -14.96
C ALA A 317 11.14 0.81 -14.95
N LEU A 318 12.46 0.76 -15.09
CA LEU A 318 13.29 1.95 -14.97
C LEU A 318 12.93 3.05 -15.98
N ALA A 319 12.39 2.66 -17.12
CA ALA A 319 12.04 3.62 -18.17
C ALA A 319 10.91 4.56 -17.74
N VAL A 320 10.14 4.13 -16.74
CA VAL A 320 9.00 4.90 -16.27
C VAL A 320 9.41 5.95 -15.23
N PHE A 321 10.61 5.80 -14.69
CA PHE A 321 11.04 6.62 -13.56
C PHE A 321 11.39 8.09 -13.86
N PRO A 322 11.76 8.40 -15.12
CA PRO A 322 11.90 9.83 -15.41
C PRO A 322 10.60 10.59 -15.08
N SER A 323 9.46 9.97 -15.34
CA SER A 323 8.17 10.56 -15.00
C SER A 323 7.92 10.52 -13.49
N LEU A 324 8.07 9.34 -12.91
CA LEU A 324 7.81 9.13 -11.49
C LEU A 324 8.61 10.07 -10.60
N LEU A 325 9.88 10.29 -10.95
CA LEU A 325 10.77 11.12 -10.15
C LEU A 325 10.51 12.61 -10.33
N THR A 326 9.60 12.95 -11.24
CA THR A 326 9.20 14.33 -11.46
C THR A 326 7.69 14.48 -11.35
N ASN A 327 7.03 13.44 -10.85
CA ASN A 327 5.58 13.42 -10.71
C ASN A 327 5.06 14.52 -9.78
N PRO A 328 3.99 15.22 -10.20
CA PRO A 328 3.37 16.31 -9.46
C PRO A 328 2.92 15.92 -8.05
N LYS A 329 2.49 14.67 -7.88
CA LYS A 329 2.08 14.19 -6.56
C LYS A 329 3.31 13.81 -5.74
N THR A 330 3.53 14.53 -4.65
CA THR A 330 4.73 14.34 -3.84
C THR A 330 4.87 12.91 -3.31
N ASN A 331 3.75 12.29 -2.97
CA ASN A 331 3.77 10.91 -2.50
CA ASN A 331 3.76 10.92 -2.49
C ASN A 331 4.32 9.95 -3.55
N ILE A 332 4.05 10.26 -4.81
CA ILE A 332 4.58 9.45 -5.91
C ILE A 332 6.08 9.65 -6.04
N GLN A 333 6.52 10.90 -5.93
CA GLN A 333 7.94 11.21 -5.96
C GLN A 333 8.68 10.54 -4.81
N LYS A 334 8.10 10.61 -3.62
CA LYS A 334 8.73 10.04 -2.43
C LYS A 334 8.93 8.54 -2.57
N GLU A 335 7.87 7.84 -2.97
CA GLU A 335 7.92 6.39 -3.10
C GLU A 335 8.76 5.93 -4.29
N ALA A 336 8.83 6.76 -5.32
CA ALA A 336 9.64 6.46 -6.48
C ALA A 336 11.11 6.58 -6.13
N THR A 337 11.45 7.60 -5.34
CA THR A 337 12.82 7.80 -4.90
C THR A 337 13.21 6.71 -3.90
N TRP A 338 12.27 6.35 -3.03
CA TRP A 338 12.47 5.24 -2.11
C TRP A 338 12.76 3.96 -2.87
N THR A 339 11.97 3.71 -3.91
CA THR A 339 12.19 2.56 -4.78
C THR A 339 13.56 2.61 -5.42
N MET A 340 13.97 3.80 -5.87
CA MET A 340 15.27 3.99 -6.50
C MET A 340 16.41 3.68 -5.52
N SER A 341 16.23 4.06 -4.26
CA SER A 341 17.28 3.85 -3.26
C SER A 341 17.53 2.37 -3.01
N ASN A 342 16.48 1.57 -3.13
CA ASN A 342 16.61 0.12 -2.95
C ASN A 342 17.18 -0.56 -4.18
N ILE A 343 17.13 0.12 -5.31
CA ILE A 343 17.74 -0.39 -6.54
C ILE A 343 19.24 -0.08 -6.56
N THR A 344 19.60 1.10 -6.08
CA THR A 344 21.01 1.48 -6.01
C THR A 344 21.71 0.74 -4.89
N ALA A 345 20.94 0.01 -4.09
CA ALA A 345 21.48 -0.83 -3.04
C ALA A 345 21.72 -2.24 -3.57
N GLY A 346 21.50 -2.41 -4.86
CA GLY A 346 21.65 -3.71 -5.50
C GLY A 346 23.05 -3.94 -6.01
N ARG A 347 23.18 -4.80 -7.02
CA ARG A 347 24.48 -5.12 -7.60
C ARG A 347 25.00 -3.96 -8.43
N GLN A 348 26.27 -4.04 -8.82
CA GLN A 348 26.88 -3.01 -9.64
C GLN A 348 26.31 -2.99 -11.05
N ASP A 349 25.91 -4.15 -11.56
CA ASP A 349 25.28 -4.22 -12.87
C ASP A 349 23.88 -3.62 -12.84
N GLN A 350 23.28 -3.61 -11.66
CA GLN A 350 21.95 -3.01 -11.49
C GLN A 350 22.07 -1.50 -11.32
N ILE A 351 23.07 -1.07 -10.58
CA ILE A 351 23.42 0.34 -10.50
C ILE A 351 23.71 0.85 -11.90
N GLN A 352 24.38 0.04 -12.69
CA GLN A 352 24.74 0.40 -14.06
C GLN A 352 23.49 0.60 -14.91
N GLN A 353 22.48 -0.22 -14.67
CA GLN A 353 21.19 -0.08 -15.36
C GLN A 353 20.56 1.27 -15.03
N VAL A 354 20.71 1.70 -13.79
CA VAL A 354 20.22 3.01 -13.36
C VAL A 354 20.93 4.10 -14.15
N VAL A 355 22.25 3.97 -14.29
CA VAL A 355 23.04 4.92 -15.05
C VAL A 355 22.60 4.96 -16.51
N ASN A 356 22.45 3.79 -17.11
CA ASN A 356 22.09 3.69 -18.52
C ASN A 356 20.73 4.30 -18.85
N HIS A 357 19.80 4.25 -17.90
CA HIS A 357 18.47 4.83 -18.10
C HIS A 357 18.46 6.34 -17.80
N GLY A 358 19.64 6.88 -17.51
CA GLY A 358 19.79 8.32 -17.28
C GLY A 358 19.06 8.82 -16.06
N LEU A 359 18.99 7.97 -15.02
CA LEU A 359 18.23 8.30 -13.83
C LEU A 359 19.03 9.05 -12.78
N VAL A 360 20.35 9.07 -12.92
CA VAL A 360 21.20 9.78 -11.97
C VAL A 360 20.90 11.28 -11.97
N PRO A 361 20.83 11.89 -13.17
CA PRO A 361 20.43 13.31 -13.24
C PRO A 361 19.10 13.57 -12.54
N PHE A 362 18.19 12.61 -12.61
CA PHE A 362 16.89 12.74 -11.95
C PHE A 362 17.01 12.66 -10.42
N LEU A 363 17.99 11.89 -9.95
CA LEU A 363 18.27 11.81 -8.52
C LEU A 363 18.91 13.11 -8.04
N VAL A 364 19.76 13.70 -8.88
CA VAL A 364 20.35 15.00 -8.59
C VAL A 364 19.26 16.06 -8.47
N GLY A 365 18.30 16.00 -9.39
CA GLY A 365 17.18 16.93 -9.38
C GLY A 365 16.35 16.85 -8.12
N VAL A 366 15.91 15.65 -7.78
CA VAL A 366 15.12 15.43 -6.56
C VAL A 366 15.91 15.85 -5.32
N LEU A 367 17.21 15.63 -5.35
CA LEU A 367 18.08 16.02 -4.25
C LEU A 367 18.20 17.55 -4.18
N SER A 368 18.07 18.19 -5.33
CA SER A 368 18.18 19.65 -5.42
C SER A 368 16.89 20.34 -4.99
N LYS A 369 15.75 19.80 -5.43
CA LYS A 369 14.47 20.41 -5.14
C LYS A 369 13.37 19.36 -5.04
N ALA A 370 12.75 19.26 -3.86
CA ALA A 370 11.67 18.31 -3.64
C ALA A 370 11.18 18.41 -2.20
N ASP A 371 10.03 17.80 -1.92
CA ASP A 371 9.57 17.67 -0.55
C ASP A 371 10.69 17.04 0.26
N PHE A 372 10.88 17.52 1.49
CA PHE A 372 12.01 17.05 2.29
C PHE A 372 12.06 15.54 2.43
N LYS A 373 10.89 14.92 2.62
CA LYS A 373 10.83 13.47 2.77
C LYS A 373 11.36 12.78 1.52
N THR A 374 11.09 13.37 0.36
CA THR A 374 11.61 12.85 -0.90
C THR A 374 13.13 13.05 -0.98
N GLN A 375 13.58 14.25 -0.64
CA GLN A 375 15.01 14.55 -0.61
C GLN A 375 15.76 13.58 0.29
N LYS A 376 15.11 13.15 1.36
CA LYS A 376 15.71 12.23 2.32
C LYS A 376 15.90 10.85 1.69
N GLU A 377 14.93 10.42 0.90
CA GLU A 377 15.02 9.15 0.19
C GLU A 377 16.08 9.24 -0.90
N ALA A 378 16.30 10.45 -1.41
CA ALA A 378 17.32 10.68 -2.43
C ALA A 378 18.71 10.59 -1.82
N ALA A 379 18.87 11.10 -0.60
CA ALA A 379 20.13 11.00 0.11
C ALA A 379 20.50 9.54 0.34
N TRP A 380 19.51 8.75 0.73
CA TRP A 380 19.69 7.31 0.90
C TRP A 380 20.08 6.66 -0.42
N ALA A 381 19.41 7.07 -1.49
CA ALA A 381 19.68 6.53 -2.82
C ALA A 381 21.14 6.75 -3.20
N ILE A 382 21.68 7.92 -2.89
CA ILE A 382 23.06 8.25 -3.22
C ILE A 382 24.05 7.47 -2.36
N THR A 383 23.77 7.37 -1.06
CA THR A 383 24.63 6.65 -0.14
C THR A 383 24.74 5.18 -0.52
N ASN A 384 23.59 4.56 -0.81
CA ASN A 384 23.56 3.18 -1.28
C ASN A 384 24.36 3.04 -2.58
N TYR A 385 24.15 4.00 -3.49
CA TYR A 385 24.85 4.04 -4.76
C TYR A 385 26.36 4.06 -4.55
N THR A 386 26.83 4.95 -3.68
CA THR A 386 28.25 5.13 -3.45
C THR A 386 28.86 3.99 -2.64
N SER A 387 28.01 3.26 -1.92
CA SER A 387 28.48 2.16 -1.09
C SER A 387 28.84 0.93 -1.92
N GLY A 388 28.01 0.63 -2.92
CA GLY A 388 28.20 -0.56 -3.71
C GLY A 388 28.64 -0.31 -5.14
N GLY A 389 28.72 0.96 -5.53
CA GLY A 389 29.10 1.31 -6.88
C GLY A 389 30.59 1.20 -7.13
N THR A 390 30.96 1.09 -8.41
CA THR A 390 32.36 1.08 -8.82
C THR A 390 32.91 2.50 -8.75
N VAL A 391 34.23 2.62 -8.92
CA VAL A 391 34.86 3.93 -8.93
C VAL A 391 34.34 4.79 -10.08
N GLU A 392 34.20 4.19 -11.26
CA GLU A 392 33.72 4.91 -12.44
C GLU A 392 32.29 5.39 -12.23
N GLN A 393 31.46 4.54 -11.66
CA GLN A 393 30.07 4.88 -11.38
C GLN A 393 29.97 6.02 -10.39
N ILE A 394 30.81 5.98 -9.35
CA ILE A 394 30.84 7.04 -8.36
C ILE A 394 31.35 8.36 -8.94
N VAL A 395 32.37 8.26 -9.78
CA VAL A 395 32.90 9.43 -10.49
C VAL A 395 31.81 10.05 -11.37
N TYR A 396 31.08 9.19 -12.08
CA TYR A 396 29.98 9.64 -12.92
C TYR A 396 28.95 10.41 -12.11
N LEU A 397 28.76 9.98 -10.85
CA LEU A 397 27.85 10.66 -9.94
C LEU A 397 28.26 12.12 -9.77
N VAL A 398 29.54 12.33 -9.45
CA VAL A 398 30.09 13.67 -9.25
C VAL A 398 29.94 14.54 -10.50
N HIS A 399 30.21 13.94 -11.66
CA HIS A 399 30.11 14.68 -12.91
C HIS A 399 28.68 15.11 -13.22
N CYS A 400 27.71 14.43 -12.61
CA CYS A 400 26.31 14.77 -12.80
C CYS A 400 25.89 15.94 -11.90
N GLY A 401 26.74 16.29 -10.94
CA GLY A 401 26.51 17.42 -10.08
C GLY A 401 25.89 17.08 -8.74
N ILE A 402 26.20 15.89 -8.22
CA ILE A 402 25.61 15.43 -6.97
C ILE A 402 26.14 16.19 -5.76
N ILE A 403 27.35 16.73 -5.88
CA ILE A 403 28.05 17.32 -4.74
C ILE A 403 27.35 18.53 -4.10
N GLU A 404 27.01 19.53 -4.92
CA GLU A 404 26.42 20.76 -4.37
C GLU A 404 25.07 20.54 -3.68
N PRO A 405 24.12 19.90 -4.36
CA PRO A 405 22.82 19.65 -3.72
C PRO A 405 22.98 18.78 -2.47
N LEU A 406 24.04 17.99 -2.43
CA LEU A 406 24.32 17.14 -1.28
C LEU A 406 24.78 18.01 -0.12
N MET A 407 25.69 18.95 -0.41
CA MET A 407 26.20 19.87 0.59
C MET A 407 25.09 20.74 1.19
N ASN A 408 24.17 21.19 0.34
CA ASN A 408 23.08 22.06 0.78
C ASN A 408 22.17 21.41 1.81
N LEU A 409 22.01 20.10 1.71
CA LEU A 409 21.15 19.38 2.64
C LEU A 409 21.80 19.15 4.00
N LEU A 410 23.06 19.55 4.13
CA LEU A 410 23.75 19.47 5.41
C LEU A 410 23.30 20.58 6.34
N SER A 411 22.42 21.44 5.85
CA SER A 411 21.85 22.51 6.66
C SER A 411 20.53 22.05 7.27
N ALA A 412 20.10 20.85 6.91
CA ALA A 412 18.86 20.28 7.43
C ALA A 412 18.98 19.98 8.92
N LYS A 413 17.85 19.96 9.61
CA LYS A 413 17.84 19.72 11.04
C LYS A 413 17.65 18.24 11.37
N ASP A 414 17.23 17.46 10.38
CA ASP A 414 17.12 16.03 10.53
C ASP A 414 18.51 15.43 10.74
N THR A 415 18.77 14.95 11.96
CA THR A 415 20.05 14.35 12.29
C THR A 415 20.38 13.17 11.37
N LYS A 416 19.37 12.37 11.06
CA LYS A 416 19.57 11.13 10.31
C LYS A 416 20.06 11.37 8.88
N ILE A 417 19.53 12.38 8.22
CA ILE A 417 19.93 12.67 6.84
C ILE A 417 21.37 13.18 6.79
N ILE A 418 21.80 13.86 7.86
CA ILE A 418 23.17 14.34 7.94
C ILE A 418 24.14 13.16 8.03
N GLN A 419 23.76 12.17 8.82
CA GLN A 419 24.56 10.95 8.95
C GLN A 419 24.66 10.25 7.59
N VAL A 420 23.53 10.19 6.89
CA VAL A 420 23.48 9.56 5.57
C VAL A 420 24.36 10.29 4.57
N ILE A 421 24.28 11.62 4.56
CA ILE A 421 25.06 12.43 3.63
C ILE A 421 26.55 12.34 3.92
N LEU A 422 26.91 12.39 5.20
CA LEU A 422 28.30 12.30 5.60
C LEU A 422 28.95 10.98 5.19
N ASP A 423 28.17 9.90 5.25
CA ASP A 423 28.64 8.59 4.80
C ASP A 423 28.84 8.56 3.29
N ALA A 424 27.94 9.21 2.56
CA ALA A 424 28.05 9.30 1.11
C ALA A 424 29.32 10.04 0.72
N ILE A 425 29.62 11.12 1.44
CA ILE A 425 30.82 11.89 1.20
C ILE A 425 32.07 11.03 1.42
N SER A 426 32.10 10.35 2.55
CA SER A 426 33.19 9.44 2.85
C SER A 426 33.41 8.46 1.69
N ASN A 427 32.33 7.84 1.24
CA ASN A 427 32.41 6.88 0.15
C ASN A 427 32.97 7.49 -1.13
N ILE A 428 32.60 8.74 -1.41
CA ILE A 428 33.06 9.42 -2.62
C ILE A 428 34.54 9.77 -2.53
N PHE A 429 34.99 10.18 -1.35
CA PHE A 429 36.40 10.47 -1.14
C PHE A 429 37.24 9.21 -1.32
N GLN A 430 36.73 8.08 -0.84
CA GLN A 430 37.41 6.81 -0.97
C GLN A 430 37.59 6.44 -2.43
N ALA A 431 36.59 6.79 -3.25
CA ALA A 431 36.68 6.56 -4.69
C ALA A 431 37.70 7.49 -5.32
N ALA A 432 37.79 8.70 -4.77
CA ALA A 432 38.74 9.69 -5.24
C ALA A 432 40.16 9.33 -4.82
N GLU A 433 40.30 8.63 -3.70
CA GLU A 433 41.61 8.19 -3.23
C GLU A 433 42.26 7.21 -4.19
N LYS A 434 41.44 6.34 -4.79
CA LYS A 434 41.93 5.32 -5.69
C LYS A 434 42.28 5.93 -7.06
N LEU A 435 41.97 7.22 -7.21
CA LEU A 435 42.32 7.97 -8.41
C LEU A 435 43.38 9.00 -8.08
N GLY A 436 43.63 9.20 -6.79
CA GLY A 436 44.60 10.18 -6.34
C GLY A 436 44.10 11.60 -6.58
N GLU A 437 42.79 11.77 -6.56
CA GLU A 437 42.18 13.06 -6.83
C GLU A 437 41.30 13.53 -5.68
N THR A 438 41.68 13.15 -4.47
CA THR A 438 40.94 13.58 -3.29
C THR A 438 40.91 15.10 -3.19
N GLU A 439 42.01 15.73 -3.57
CA GLU A 439 42.12 17.18 -3.50
C GLU A 439 41.15 17.85 -4.48
N LYS A 440 41.01 17.29 -5.67
CA LYS A 440 40.10 17.85 -6.64
C LYS A 440 38.67 17.87 -6.09
N LEU A 441 38.37 16.89 -5.23
CA LEU A 441 37.07 16.82 -4.58
C LEU A 441 36.96 17.82 -3.44
N SER A 442 38.04 17.96 -2.68
CA SER A 442 38.09 18.88 -1.56
C SER A 442 37.75 20.30 -2.00
N ILE A 443 38.30 20.73 -3.14
CA ILE A 443 38.03 22.05 -3.66
C ILE A 443 36.57 22.21 -4.09
N MET A 444 36.03 21.18 -4.71
CA MET A 444 34.62 21.19 -5.11
C MET A 444 33.72 21.45 -3.92
N ILE A 445 33.93 20.67 -2.86
CA ILE A 445 33.14 20.80 -1.65
C ILE A 445 33.34 22.16 -1.00
N GLU A 446 34.56 22.68 -1.08
CA GLU A 446 34.89 23.96 -0.46
C GLU A 446 34.27 25.14 -1.21
N GLU A 447 34.33 25.10 -2.54
CA GLU A 447 33.83 26.19 -3.36
C GLU A 447 32.32 26.39 -3.24
N CYS A 448 31.58 25.32 -2.96
CA CYS A 448 30.13 25.40 -2.87
C CYS A 448 29.67 25.65 -1.44
N GLY A 449 30.62 25.88 -0.53
CA GLY A 449 30.30 26.16 0.86
C GLY A 449 30.03 24.92 1.68
N GLY A 450 30.54 23.79 1.21
CA GLY A 450 30.36 22.52 1.91
C GLY A 450 31.26 22.40 3.13
N LEU A 451 32.49 22.87 2.99
CA LEU A 451 33.46 22.80 4.08
C LEU A 451 32.98 23.57 5.31
N ASP A 452 32.37 24.72 5.08
CA ASP A 452 31.81 25.52 6.17
C ASP A 452 30.84 24.66 7.00
N LYS A 453 30.04 23.87 6.30
CA LYS A 453 29.00 23.08 6.96
C LYS A 453 29.58 21.89 7.70
N ILE A 454 30.55 21.21 7.09
CA ILE A 454 31.21 20.08 7.74
C ILE A 454 31.93 20.54 9.00
N GLU A 455 32.59 21.69 8.89
CA GLU A 455 33.29 22.29 10.03
C GLU A 455 32.31 22.55 11.17
N ALA A 456 31.16 23.13 10.84
CA ALA A 456 30.15 23.46 11.83
C ALA A 456 29.52 22.21 12.44
N LEU A 457 29.54 21.11 11.69
CA LEU A 457 28.96 19.87 12.16
C LEU A 457 29.82 19.21 13.24
N GLN A 458 30.99 19.78 13.49
CA GLN A 458 31.88 19.30 14.54
C GLN A 458 31.34 19.69 15.91
N ARG A 459 30.62 20.80 15.95
CA ARG A 459 30.00 21.27 17.18
C ARG A 459 28.54 20.82 17.26
N HIS A 460 28.17 19.87 16.39
CA HIS A 460 26.85 19.30 16.44
C HIS A 460 26.68 18.54 17.76
N GLU A 461 25.43 18.37 18.19
CA GLU A 461 25.15 17.76 19.48
C GLU A 461 25.20 16.23 19.46
N ASN A 462 25.12 15.65 18.28
CA ASN A 462 25.09 14.21 18.15
C ASN A 462 26.47 13.57 18.00
N GLU A 463 26.73 12.56 18.82
CA GLU A 463 27.98 11.81 18.80
C GLU A 463 28.35 11.38 17.38
N SER A 464 27.52 10.54 16.78
CA SER A 464 27.80 10.01 15.45
C SER A 464 28.12 11.08 14.40
N VAL A 465 27.42 12.22 14.45
CA VAL A 465 27.65 13.29 13.48
C VAL A 465 29.07 13.89 13.51
N TYR A 466 29.45 14.50 14.63
CA TYR A 466 30.72 15.23 14.71
C TYR A 466 31.94 14.32 14.57
N LYS A 467 31.80 13.05 14.95
CA LYS A 467 32.87 12.08 14.76
C LYS A 467 33.26 12.02 13.28
N ALA A 468 32.28 11.74 12.44
CA ALA A 468 32.48 11.66 11.00
C ALA A 468 32.92 13.01 10.44
N SER A 469 32.35 14.08 10.97
CA SER A 469 32.65 15.43 10.50
C SER A 469 34.15 15.70 10.59
N LEU A 470 34.70 15.56 11.79
CA LEU A 470 36.11 15.84 12.02
C LEU A 470 37.01 14.85 11.29
N ASN A 471 36.57 13.61 11.20
CA ASN A 471 37.30 12.60 10.41
C ASN A 471 37.53 13.09 8.98
N LEU A 472 36.48 13.60 8.37
CA LEU A 472 36.56 14.18 7.03
C LEU A 472 37.45 15.42 7.04
N ILE A 473 37.20 16.32 8.00
CA ILE A 473 37.95 17.55 8.11
C ILE A 473 39.47 17.33 8.17
N GLU A 474 39.91 16.46 9.06
CA GLU A 474 41.34 16.26 9.30
C GLU A 474 42.00 15.26 8.33
N LYS A 475 41.19 14.49 7.60
CA LYS A 475 41.75 13.50 6.67
C LYS A 475 41.87 14.03 5.25
N TYR A 476 40.95 14.91 4.85
CA TYR A 476 40.93 15.39 3.47
C TYR A 476 41.06 16.91 3.37
N PHE A 477 41.01 17.60 4.49
CA PHE A 477 41.03 19.07 4.50
C PHE A 477 42.12 19.69 5.37
N SER A 478 43.21 18.96 5.57
CA SER A 478 44.29 19.46 6.41
C SER A 478 45.66 19.21 5.81
N ASN B 5 25.19 -1.21 0.00
CA ASN B 5 24.45 -1.28 1.26
C ASN B 5 23.27 -2.25 1.22
N ARG B 6 22.45 -2.21 2.26
CA ARG B 6 21.29 -3.08 2.35
C ARG B 6 19.99 -2.34 2.05
N LYS B 7 18.92 -3.11 1.82
CA LYS B 7 17.63 -2.54 1.45
C LYS B 7 16.81 -2.13 2.67
N ARG B 8 16.11 -1.01 2.56
CA ARG B 8 15.24 -0.52 3.61
C ARG B 8 13.79 -0.76 3.24
N ARG B 9 13.05 -1.42 4.13
CA ARG B 9 11.63 -1.70 3.88
C ARG B 9 10.76 -0.53 4.31
N GLY B 10 9.50 -0.54 3.88
CA GLY B 10 8.57 0.51 4.20
C GLY B 10 7.80 0.21 5.48
N MET B 25 -9.58 2.80 1.61
CA MET B 25 -10.19 2.60 2.93
C MET B 25 -10.49 1.13 3.17
N PRO B 26 -10.15 0.62 4.37
CA PRO B 26 -10.41 -0.78 4.73
C PRO B 26 -11.90 -1.08 4.90
N LYS B 27 -12.68 -0.08 5.29
CA LYS B 27 -14.12 -0.28 5.49
C LYS B 27 -14.93 0.70 4.64
N ARG B 28 -16.10 0.24 4.19
CA ARG B 28 -16.94 1.05 3.32
C ARG B 28 -18.41 0.98 3.69
N GLN B 29 -18.98 2.14 4.02
CA GLN B 29 -20.41 2.24 4.30
C GLN B 29 -21.14 2.31 2.97
N ARG B 30 -22.22 1.55 2.84
CA ARG B 30 -23.06 1.64 1.64
C ARG B 30 -24.10 2.74 1.78
N ILE B 31 -23.92 3.81 1.03
CA ILE B 31 -24.83 4.95 1.07
C ILE B 31 -25.82 4.92 -0.09
N PRO B 32 -26.85 5.77 -0.06
CA PRO B 32 -27.80 5.82 -1.17
C PRO B 32 -27.13 6.09 -2.51
#